data_6G47
#
_entry.id   6G47
#
_cell.length_a   64.880
_cell.length_b   81.710
_cell.length_c   93.530
_cell.angle_alpha   90.00
_cell.angle_beta   90.00
_cell.angle_gamma   90.00
#
_symmetry.space_group_name_H-M   'P 21 21 21'
#
loop_
_entity.id
_entity.type
_entity.pdbx_description
1 polymer Fiber-1
2 branched 'N-acetyl-alpha-neuraminic acid-(2-8)-N-acetyl-alpha-neuraminic acid'
3 non-polymer 'N-acetyl-alpha-neuraminic acid'
4 non-polymer (4S)-2-METHYL-2,4-PENTANEDIOL
5 non-polymer (4R)-2-METHYLPENTANE-2,4-DIOL
6 non-polymer 2-AMINO-2-HYDROXYMETHYL-PROPANE-1,3-DIOL
7 water water
#
_entity_poly.entity_id   1
_entity_poly.type   'polypeptide(L)'
_entity_poly.pdbx_seq_one_letter_code
;MRGSHHHHHHGSGSGSGIEGRPYNGTGSRFNSSGAIAFGIQTLWTPPTSNPNCTVYTESDSLLSLCLTKCGAHVLGSVSL
TGVAGTMTNMAETSLAIEFTFDDTGKLLHSPLVNNTFSIRQGDSPASNPTYNALAFMPNSTLYARGGSGEPRNNYYVQTY
LRGNVQRPITLTVTFNSAATGYSLSFKWTAVVREKFAAPATSFCYITEQ
;
_entity_poly.pdbx_strand_id   A,B,C
#
# COMPACT_ATOMS: atom_id res chain seq x y z
N GLY A 39 -20.01 -12.25 -1.90
CA GLY A 39 -19.04 -12.73 -2.87
C GLY A 39 -18.38 -11.62 -3.69
N ILE A 40 -19.11 -10.53 -3.92
CA ILE A 40 -18.63 -9.42 -4.75
C ILE A 40 -17.75 -8.50 -3.93
N GLN A 41 -16.43 -8.64 -4.11
CA GLN A 41 -15.50 -7.84 -3.34
C GLN A 41 -14.60 -7.08 -4.29
N THR A 42 -14.82 -7.26 -5.59
CA THR A 42 -13.89 -6.75 -6.61
C THR A 42 -14.57 -6.02 -7.75
N LEU A 43 -14.07 -4.82 -8.06
CA LEU A 43 -14.43 -4.13 -9.31
C LEU A 43 -13.14 -3.98 -10.08
N TRP A 44 -13.13 -4.35 -11.35
CA TRP A 44 -11.88 -4.27 -12.09
C TRP A 44 -12.10 -4.09 -13.59
N THR A 45 -11.02 -3.83 -14.30
CA THR A 45 -11.03 -4.18 -15.71
C THR A 45 -10.25 -5.49 -15.80
N PRO A 46 -10.77 -6.45 -16.57
CA PRO A 46 -10.16 -7.78 -16.57
C PRO A 46 -8.72 -7.73 -17.06
N PRO A 47 -7.84 -8.52 -16.42
CA PRO A 47 -6.49 -8.68 -16.95
C PRO A 47 -6.53 -9.11 -18.42
N THR A 48 -5.67 -8.51 -19.22
CA THR A 48 -5.63 -8.77 -20.65
C THR A 48 -4.22 -8.49 -21.17
N SER A 49 -3.84 -9.10 -22.28
CA SER A 49 -2.55 -8.80 -22.87
C SER A 49 -2.69 -7.86 -24.06
N ASN A 50 -3.92 -7.47 -24.37
CA ASN A 50 -4.17 -6.62 -25.50
C ASN A 50 -4.53 -5.23 -25.02
N PRO A 51 -4.28 -4.21 -25.84
CA PRO A 51 -4.67 -2.84 -25.43
C PRO A 51 -6.18 -2.76 -25.17
N ASN A 52 -6.53 -1.96 -24.16
CA ASN A 52 -7.90 -1.90 -23.68
C ASN A 52 -8.29 -0.48 -23.30
N CYS A 53 -7.41 0.47 -23.61
CA CYS A 53 -7.51 1.80 -23.06
C CYS A 53 -7.17 2.84 -24.11
N THR A 54 -7.78 4.02 -24.01
CA THR A 54 -7.59 5.10 -24.95
C THR A 54 -7.16 6.35 -24.19
N VAL A 55 -5.88 6.70 -24.30
CA VAL A 55 -5.39 7.94 -23.70
C VAL A 55 -5.43 9.05 -24.74
N TYR A 56 -4.76 8.82 -25.88
CA TYR A 56 -4.70 9.81 -26.95
C TYR A 56 -5.46 9.35 -28.18
N THR A 57 -5.27 8.09 -28.55
CA THR A 57 -5.98 7.50 -29.68
C THR A 57 -6.49 6.12 -29.31
N GLU A 58 -7.47 5.63 -30.06
CA GLU A 58 -8.18 4.43 -29.64
C GLU A 58 -7.28 3.22 -29.44
N SER A 59 -7.46 2.55 -28.30
CA SER A 59 -6.73 1.33 -27.99
C SER A 59 -5.21 1.54 -28.04
N ASP A 60 -4.74 2.65 -27.51
CA ASP A 60 -3.31 2.96 -27.55
C ASP A 60 -2.53 2.49 -26.33
N SER A 61 -3.22 1.89 -25.38
CA SER A 61 -2.58 1.54 -24.11
C SER A 61 -3.25 0.37 -23.41
N LEU A 62 -2.56 -0.20 -22.42
CA LEU A 62 -3.07 -1.32 -21.65
C LEU A 62 -3.13 -0.86 -20.21
N LEU A 63 -4.36 -0.69 -19.71
CA LEU A 63 -4.59 -0.28 -18.32
C LEU A 63 -4.96 -1.48 -17.46
N SER A 64 -4.37 -1.56 -16.27
CA SER A 64 -4.91 -2.43 -15.24
C SER A 64 -5.44 -1.53 -14.13
N LEU A 65 -6.67 -1.77 -13.70
CA LEU A 65 -7.23 -1.10 -12.53
C LEU A 65 -8.09 -2.11 -11.80
N CYS A 66 -7.83 -2.29 -10.51
CA CYS A 66 -8.58 -3.24 -9.71
C CYS A 66 -8.83 -2.64 -8.32
N LEU A 67 -10.08 -2.70 -7.86
CA LEU A 67 -10.48 -2.16 -6.55
C LEU A 67 -11.09 -3.31 -5.75
N THR A 68 -10.51 -3.62 -4.58
CA THR A 68 -11.07 -4.69 -3.74
C THR A 68 -11.43 -4.14 -2.38
N LYS A 69 -12.56 -4.60 -1.85
CA LYS A 69 -13.07 -4.04 -0.62
C LYS A 69 -12.63 -4.85 0.59
N CYS A 70 -12.04 -4.17 1.58
CA CYS A 70 -11.73 -4.78 2.88
C CYS A 70 -12.26 -3.85 3.95
N GLY A 71 -13.43 -4.16 4.50
CA GLY A 71 -14.07 -3.26 5.44
C GLY A 71 -14.26 -1.90 4.81
N ALA A 72 -13.95 -0.85 5.58
CA ALA A 72 -14.10 0.51 5.12
C ALA A 72 -13.03 0.95 4.14
N HIS A 73 -12.15 0.04 3.75
CA HIS A 73 -11.13 0.39 2.74
C HIS A 73 -11.41 -0.24 1.39
N VAL A 74 -10.98 0.48 0.36
CA VAL A 74 -10.68 -0.15 -0.92
C VAL A 74 -9.16 -0.19 -1.06
N LEU A 75 -8.67 -1.37 -1.44
CA LEU A 75 -7.30 -1.59 -1.88
C LEU A 75 -7.30 -1.51 -3.39
N GLY A 76 -6.58 -0.54 -3.96
CA GLY A 76 -6.57 -0.38 -5.41
C GLY A 76 -5.19 -0.67 -5.98
N SER A 77 -5.19 -1.26 -7.17
CA SER A 77 -3.95 -1.44 -7.91
C SER A 77 -4.15 -0.86 -9.29
N VAL A 78 -3.07 -0.32 -9.84
CA VAL A 78 -3.14 0.29 -11.17
C VAL A 78 -1.77 0.19 -11.85
N SER A 79 -1.80 0.00 -13.16
CA SER A 79 -0.61 0.19 -14.00
C SER A 79 -1.07 0.60 -15.37
N LEU A 80 -0.19 1.22 -16.16
CA LEU A 80 -0.60 1.67 -17.49
C LEU A 80 0.58 1.56 -18.42
N THR A 81 0.41 0.81 -19.52
CA THR A 81 1.49 0.54 -20.46
C THR A 81 1.13 1.13 -21.83
N GLY A 82 1.99 1.99 -22.37
CA GLY A 82 1.74 2.52 -23.71
C GLY A 82 1.93 1.40 -24.74
N VAL A 83 1.11 1.40 -25.78
CA VAL A 83 1.23 0.37 -26.81
C VAL A 83 1.47 0.97 -28.18
N ALA A 84 0.78 2.07 -28.48
CA ALA A 84 0.80 2.65 -29.83
C ALA A 84 0.75 4.17 -29.80
N GLY A 85 1.20 4.78 -30.90
CA GLY A 85 1.07 6.21 -31.08
C GLY A 85 1.86 7.02 -30.08
N THR A 86 1.27 8.13 -29.65
CA THR A 86 1.93 9.08 -28.78
C THR A 86 2.34 8.44 -27.46
N MET A 87 1.61 7.41 -27.02
CA MET A 87 1.98 6.68 -25.82
C MET A 87 3.37 6.04 -25.95
N THR A 88 3.89 5.89 -27.16
CA THR A 88 5.22 5.32 -27.36
C THR A 88 6.25 6.39 -27.70
N ASN A 89 5.83 7.64 -27.66
CA ASN A 89 6.70 8.74 -28.05
C ASN A 89 6.06 10.01 -27.54
N MET A 90 6.17 10.24 -26.24
CA MET A 90 5.34 11.25 -25.58
C MET A 90 5.60 12.69 -26.02
N ALA A 91 4.52 13.47 -26.06
CA ALA A 91 4.57 14.87 -26.41
C ALA A 91 4.43 15.74 -25.16
N GLU A 92 3.90 15.16 -24.10
CA GLU A 92 3.67 15.89 -22.86
C GLU A 92 4.42 15.27 -21.68
N THR A 93 4.59 16.05 -20.63
CA THR A 93 5.33 15.66 -19.45
C THR A 93 4.43 15.10 -18.34
N SER A 94 3.16 14.91 -18.65
CA SER A 94 2.29 14.22 -17.72
C SER A 94 1.12 13.66 -18.49
N LEU A 95 0.47 12.69 -17.88
CA LEU A 95 -0.61 11.95 -18.50
C LEU A 95 -1.66 11.74 -17.42
N ALA A 96 -2.92 12.00 -17.71
CA ALA A 96 -3.96 11.81 -16.70
C ALA A 96 -5.17 11.11 -17.28
N ILE A 97 -5.75 10.22 -16.48
CA ILE A 97 -7.01 9.59 -16.86
C ILE A 97 -7.94 9.66 -15.65
N GLU A 98 -9.23 9.47 -15.88
CA GLU A 98 -10.17 9.62 -14.79
C GLU A 98 -11.35 8.67 -14.94
N PHE A 99 -11.80 8.12 -13.83
CA PHE A 99 -13.03 7.33 -13.78
C PHE A 99 -14.05 8.16 -13.01
N THR A 100 -15.20 8.45 -13.61
CA THR A 100 -16.24 9.21 -12.91
C THR A 100 -17.48 8.35 -12.72
N PHE A 101 -18.17 8.56 -11.61
CA PHE A 101 -19.33 7.77 -11.24
C PHE A 101 -20.41 8.76 -10.80
N ASP A 102 -21.66 8.33 -10.91
CA ASP A 102 -22.75 9.18 -10.43
C ASP A 102 -22.95 8.98 -8.94
N ASP A 103 -23.96 9.66 -8.38
CA ASP A 103 -24.19 9.60 -6.94
C ASP A 103 -24.64 8.24 -6.43
N THR A 104 -24.94 7.30 -7.32
CA THR A 104 -25.20 5.91 -6.91
C THR A 104 -23.98 4.99 -7.04
N GLY A 105 -22.89 5.52 -7.59
CA GLY A 105 -21.71 4.68 -7.81
C GLY A 105 -21.66 4.03 -9.19
N LYS A 106 -22.57 4.44 -10.07
CA LYS A 106 -22.62 3.89 -11.42
C LYS A 106 -21.63 4.59 -12.30
N LEU A 107 -20.85 3.83 -13.07
CA LEU A 107 -19.83 4.42 -13.92
C LEU A 107 -20.42 5.32 -15.00
N LEU A 108 -19.87 6.52 -15.12
CA LEU A 108 -20.28 7.48 -16.15
C LEU A 108 -19.28 7.50 -17.28
N HIS A 109 -18.01 7.70 -16.97
CA HIS A 109 -16.98 7.77 -17.99
C HIS A 109 -15.67 7.15 -17.52
N SER A 110 -14.92 6.61 -18.48
CA SER A 110 -13.61 6.06 -18.20
C SER A 110 -12.82 6.07 -19.49
N PRO A 111 -11.51 5.85 -19.41
CA PRO A 111 -10.72 5.80 -20.65
C PRO A 111 -10.76 4.42 -21.31
N LEU A 112 -11.47 3.47 -20.72
CA LEU A 112 -11.44 2.10 -21.25
C LEU A 112 -12.27 1.98 -22.51
N VAL A 113 -11.76 1.24 -23.47
CA VAL A 113 -12.54 0.90 -24.64
C VAL A 113 -13.76 0.09 -24.18
N ASN A 114 -14.94 0.60 -24.52
CA ASN A 114 -16.21 -0.01 -24.10
C ASN A 114 -16.46 0.01 -22.59
N ASN A 115 -15.80 0.91 -21.86
CA ASN A 115 -16.04 1.09 -20.42
C ASN A 115 -16.07 -0.21 -19.63
N THR A 116 -15.18 -1.15 -19.99
CA THR A 116 -15.11 -2.47 -19.36
C THR A 116 -14.59 -2.42 -17.92
N PHE A 117 -15.35 -1.77 -17.06
CA PHE A 117 -15.03 -1.72 -15.63
C PHE A 117 -16.26 -2.19 -14.88
N SER A 118 -16.17 -3.35 -14.24
CA SER A 118 -17.31 -3.97 -13.58
C SER A 118 -16.88 -5.05 -12.59
N ILE A 119 -17.85 -5.83 -12.12
CA ILE A 119 -17.60 -6.90 -11.18
C ILE A 119 -16.71 -7.96 -11.81
N ARG A 120 -15.90 -8.64 -11.01
CA ARG A 120 -15.14 -9.77 -11.51
C ARG A 120 -16.06 -10.97 -11.72
N GLN A 121 -16.00 -11.55 -12.92
CA GLN A 121 -16.86 -12.68 -13.26
C GLN A 121 -16.54 -13.92 -12.43
N GLY A 122 -17.59 -14.59 -11.97
CA GLY A 122 -17.44 -15.80 -11.18
C GLY A 122 -17.53 -15.54 -9.69
N ASP A 123 -17.63 -14.28 -9.30
CA ASP A 123 -17.73 -13.94 -7.88
C ASP A 123 -19.17 -14.08 -7.40
N SER A 124 -20.08 -14.28 -8.36
CA SER A 124 -21.46 -14.55 -8.04
C SER A 124 -22.00 -15.62 -8.97
N PRO A 125 -22.77 -16.58 -8.42
CA PRO A 125 -23.37 -17.65 -9.22
C PRO A 125 -24.59 -17.15 -9.99
N ALA A 126 -25.06 -15.97 -9.63
CA ALA A 126 -26.26 -15.40 -10.22
C ALA A 126 -25.98 -14.68 -11.53
N SER A 127 -26.97 -14.64 -12.42
CA SER A 127 -26.89 -13.77 -13.56
C SER A 127 -27.20 -12.36 -13.09
N ASN A 128 -26.57 -11.38 -13.73
CA ASN A 128 -26.75 -9.98 -13.38
C ASN A 128 -26.60 -9.71 -11.88
N PRO A 129 -25.45 -10.06 -11.31
CA PRO A 129 -25.22 -9.87 -9.89
C PRO A 129 -25.34 -8.42 -9.50
N THR A 130 -26.00 -8.17 -8.38
CA THR A 130 -26.13 -6.81 -7.87
C THR A 130 -25.10 -6.61 -6.77
N TYR A 131 -24.75 -5.35 -6.57
CA TYR A 131 -23.82 -5.00 -5.50
C TYR A 131 -24.05 -3.55 -5.08
N ASN A 132 -23.52 -3.17 -3.93
CA ASN A 132 -23.64 -1.79 -3.49
C ASN A 132 -22.44 -0.98 -3.99
N ALA A 133 -22.62 -0.22 -5.06
CA ALA A 133 -21.49 0.48 -5.64
C ALA A 133 -20.90 1.52 -4.70
N LEU A 134 -21.72 2.06 -3.79
CA LEU A 134 -21.22 3.03 -2.82
C LEU A 134 -20.21 2.43 -1.86
N ALA A 135 -20.24 1.11 -1.71
CA ALA A 135 -19.26 0.43 -0.86
C ALA A 135 -17.85 0.49 -1.47
N PHE A 136 -17.76 0.87 -2.75
CA PHE A 136 -16.48 1.03 -3.46
C PHE A 136 -16.10 2.48 -3.75
N MET A 137 -16.99 3.44 -3.47
CA MET A 137 -16.74 4.85 -3.78
C MET A 137 -15.95 5.55 -2.67
N PRO A 138 -15.11 6.52 -3.04
CA PRO A 138 -14.37 7.23 -1.98
C PRO A 138 -15.30 8.05 -1.11
N ASN A 139 -15.06 7.97 0.20
CA ASN A 139 -15.89 8.65 1.18
C ASN A 139 -16.00 10.13 0.89
N SER A 140 -17.26 10.62 0.80
CA SER A 140 -17.48 12.01 0.40
C SER A 140 -17.41 13.01 1.55
N THR A 141 -17.29 12.51 2.78
CA THR A 141 -17.00 13.40 3.91
C THR A 141 -15.51 13.66 4.04
N LEU A 142 -14.70 12.59 4.02
CA LEU A 142 -13.25 12.74 4.11
C LEU A 142 -12.68 13.37 2.84
N TYR A 143 -13.16 12.89 1.69
CA TYR A 143 -12.69 13.38 0.40
C TYR A 143 -13.80 14.19 -0.26
N ALA A 144 -13.89 15.46 0.10
CA ALA A 144 -15.01 16.26 -0.41
C ALA A 144 -14.99 16.36 -1.92
N ARG A 145 -16.19 16.35 -2.51
CA ARG A 145 -16.31 16.58 -3.94
C ARG A 145 -15.75 17.94 -4.30
N GLY A 146 -15.05 17.99 -5.43
CA GLY A 146 -14.39 19.21 -5.88
C GLY A 146 -13.17 19.53 -5.04
N GLY A 147 -12.69 18.50 -4.34
CA GLY A 147 -11.61 18.71 -3.39
C GLY A 147 -10.22 18.32 -3.87
N SER A 148 -9.97 18.35 -5.18
CA SER A 148 -8.64 17.97 -5.65
C SER A 148 -7.51 18.82 -5.09
N GLY A 149 -7.78 20.06 -4.72
CA GLY A 149 -6.74 20.91 -4.14
C GLY A 149 -6.44 20.63 -2.68
N GLU A 150 -7.25 19.78 -2.04
CA GLU A 150 -7.03 19.46 -0.62
C GLU A 150 -6.04 18.32 -0.51
N PRO A 151 -5.00 18.46 0.33
CA PRO A 151 -4.01 17.37 0.45
C PRO A 151 -4.64 16.02 0.78
N ARG A 152 -5.65 15.98 1.64
CA ARG A 152 -6.18 14.67 2.06
C ARG A 152 -6.98 13.92 0.98
N ASN A 153 -7.29 14.61 -0.13
CA ASN A 153 -7.95 14.00 -1.29
C ASN A 153 -6.94 13.35 -2.23
N ASN A 154 -5.65 13.50 -1.93
CA ASN A 154 -4.62 13.02 -2.83
C ASN A 154 -3.71 11.97 -2.19
N TYR A 155 -3.35 10.98 -2.99
CA TYR A 155 -2.48 9.89 -2.55
C TYR A 155 -1.32 9.79 -3.51
N TYR A 156 -0.09 9.92 -3.00
CA TYR A 156 1.09 10.00 -3.88
C TYR A 156 1.89 8.72 -3.91
N VAL A 157 2.26 8.31 -5.11
CA VAL A 157 3.06 7.11 -5.30
C VAL A 157 4.31 7.42 -6.09
N GLN A 158 5.43 6.93 -5.59
CA GLN A 158 6.67 7.03 -6.33
C GLN A 158 6.92 5.75 -7.12
N THR A 159 7.19 5.89 -8.41
CA THR A 159 7.55 4.72 -9.21
C THR A 159 8.62 5.13 -10.23
N TYR A 160 8.85 4.27 -11.22
CA TYR A 160 9.89 4.52 -12.22
C TYR A 160 9.34 4.30 -13.60
N LEU A 161 9.58 5.25 -14.48
CA LEU A 161 9.11 5.15 -15.85
C LEU A 161 9.73 3.93 -16.52
N ARG A 162 8.88 3.06 -17.05
CA ARG A 162 9.30 1.78 -17.62
C ARG A 162 10.13 0.93 -16.67
N GLY A 163 10.06 1.19 -15.37
CA GLY A 163 10.89 0.50 -14.40
C GLY A 163 12.36 0.89 -14.45
N ASN A 164 12.68 1.96 -15.17
CA ASN A 164 14.05 2.45 -15.25
C ASN A 164 14.34 3.28 -14.01
N VAL A 165 15.28 2.84 -13.17
CA VAL A 165 15.51 3.53 -11.91
C VAL A 165 16.20 4.91 -12.06
N GLN A 166 16.61 5.27 -13.26
CA GLN A 166 17.06 6.62 -13.51
C GLN A 166 15.92 7.52 -13.96
N ARG A 167 14.71 7.00 -13.94
CA ARG A 167 13.55 7.79 -14.38
C ARG A 167 12.44 7.80 -13.32
N PRO A 168 12.71 8.38 -12.15
CA PRO A 168 11.64 8.44 -11.15
C PRO A 168 10.49 9.29 -11.65
N ILE A 169 9.28 8.78 -11.45
CA ILE A 169 8.06 9.53 -11.74
C ILE A 169 7.12 9.44 -10.54
N THR A 170 6.14 10.33 -10.51
CA THR A 170 5.17 10.36 -9.44
C THR A 170 3.82 10.04 -10.05
N LEU A 171 3.07 9.19 -9.36
CA LEU A 171 1.65 8.96 -9.64
C LEU A 171 0.86 9.67 -8.54
N THR A 172 -0.06 10.55 -8.94
CA THR A 172 -0.97 11.18 -8.00
C THR A 172 -2.35 10.58 -8.22
N VAL A 173 -2.89 9.91 -7.19
CA VAL A 173 -4.26 9.42 -7.25
C VAL A 173 -5.13 10.40 -6.46
N THR A 174 -6.19 10.91 -7.09
CA THR A 174 -7.05 11.88 -6.43
C THR A 174 -8.44 11.31 -6.27
N PHE A 175 -9.03 11.52 -5.09
CA PHE A 175 -10.35 11.02 -4.74
C PHE A 175 -11.36 12.15 -4.82
N ASN A 176 -12.40 11.94 -5.63
CA ASN A 176 -13.53 12.90 -5.70
C ASN A 176 -13.15 14.29 -6.17
N SER A 177 -12.26 14.35 -7.14
CA SER A 177 -11.98 15.60 -7.84
C SER A 177 -13.24 16.17 -8.49
N ALA A 178 -14.08 15.30 -9.01
CA ALA A 178 -15.29 15.75 -9.70
C ALA A 178 -16.22 16.49 -8.74
N ALA A 179 -16.90 17.54 -9.24
CA ALA A 179 -17.73 18.36 -8.36
C ALA A 179 -19.03 17.66 -7.94
N THR A 180 -19.42 16.66 -8.71
CA THR A 180 -20.62 15.89 -8.43
C THR A 180 -20.28 14.41 -8.54
N GLY A 181 -21.12 13.54 -7.97
CA GLY A 181 -20.87 12.10 -7.99
C GLY A 181 -19.56 11.74 -7.30
N TYR A 182 -18.86 10.74 -7.82
CA TYR A 182 -17.62 10.28 -7.24
C TYR A 182 -16.57 10.18 -8.35
N SER A 183 -15.29 10.21 -8.00
CA SER A 183 -14.29 10.02 -9.02
C SER A 183 -12.96 9.47 -8.50
N LEU A 184 -12.23 8.82 -9.39
CA LEU A 184 -10.87 8.41 -9.14
C LEU A 184 -10.06 8.93 -10.30
N SER A 185 -9.03 9.71 -10.00
CA SER A 185 -8.22 10.33 -11.04
C SER A 185 -6.79 9.86 -10.88
N PHE A 186 -6.11 9.63 -12.00
CA PHE A 186 -4.72 9.16 -11.96
C PHE A 186 -3.89 10.07 -12.84
N LYS A 187 -2.84 10.65 -12.28
CA LYS A 187 -1.92 11.47 -13.08
C LYS A 187 -0.52 10.96 -12.87
N TRP A 188 0.15 10.57 -13.97
CA TRP A 188 1.56 10.20 -13.88
C TRP A 188 2.44 11.27 -14.52
N THR A 189 3.59 11.56 -13.93
CA THR A 189 4.60 12.33 -14.68
C THR A 189 5.20 11.44 -15.78
N ALA A 190 5.75 12.05 -16.81
CA ALA A 190 6.21 11.30 -17.98
C ALA A 190 7.41 12.01 -18.57
N VAL A 191 8.08 11.35 -19.50
CA VAL A 191 9.24 11.94 -20.14
C VAL A 191 8.97 12.09 -21.63
N VAL A 192 9.15 13.31 -22.12
CA VAL A 192 8.88 13.55 -23.53
C VAL A 192 9.89 12.84 -24.43
N ARG A 193 9.38 12.46 -25.60
CA ARG A 193 10.12 11.78 -26.65
C ARG A 193 10.57 10.37 -26.27
N GLU A 194 9.92 9.80 -25.26
CA GLU A 194 10.12 8.40 -24.86
C GLU A 194 8.75 7.73 -24.71
N LYS A 195 8.76 6.41 -24.72
CA LYS A 195 7.56 5.64 -24.46
C LYS A 195 7.12 5.80 -23.00
N PHE A 196 5.80 5.81 -22.78
CA PHE A 196 5.26 5.80 -21.43
C PHE A 196 4.89 4.41 -20.99
N ALA A 197 5.37 4.00 -19.81
CA ALA A 197 4.77 2.86 -19.12
C ALA A 197 5.00 3.07 -17.64
N ALA A 198 3.95 2.83 -16.86
CA ALA A 198 4.04 2.92 -15.42
C ALA A 198 3.88 1.54 -14.83
N PRO A 199 4.84 1.13 -13.98
CA PRO A 199 4.81 -0.19 -13.35
C PRO A 199 3.62 -0.40 -12.42
N ALA A 200 3.54 -1.62 -11.87
CA ALA A 200 2.52 -1.96 -10.90
C ALA A 200 2.64 -1.02 -9.69
N THR A 201 1.50 -0.48 -9.27
CA THR A 201 1.43 0.39 -8.09
C THR A 201 0.15 0.09 -7.35
N SER A 202 0.03 0.65 -6.14
CA SER A 202 -1.22 0.48 -5.42
C SER A 202 -1.48 1.67 -4.51
N PHE A 203 -2.71 1.73 -4.02
CA PHE A 203 -3.19 2.84 -3.21
C PHE A 203 -4.37 2.34 -2.39
N CYS A 204 -4.83 3.17 -1.46
CA CYS A 204 -5.86 2.77 -0.52
C CYS A 204 -6.66 4.00 -0.13
N TYR A 205 -7.98 3.87 -0.09
CA TYR A 205 -8.85 4.94 0.40
C TYR A 205 -10.01 4.41 1.22
N ILE A 206 -10.61 5.29 2.01
CA ILE A 206 -11.76 4.94 2.84
C ILE A 206 -13.02 5.10 2.01
N THR A 207 -13.96 4.17 2.18
CA THR A 207 -15.17 4.13 1.33
C THR A 207 -16.36 4.89 1.89
N GLU A 208 -17.31 5.19 1.00
CA GLU A 208 -18.52 5.89 1.37
C GLU A 208 -19.45 5.03 2.25
N GLN A 209 -19.53 3.75 1.93
CA GLN A 209 -20.35 2.82 2.66
C GLN A 209 -19.58 1.53 2.89
N ILE B 40 -9.72 -19.79 3.86
CA ILE B 40 -8.33 -19.44 4.07
C ILE B 40 -7.99 -18.07 3.47
N GLN B 41 -7.49 -17.16 4.30
CA GLN B 41 -7.23 -15.82 3.84
C GLN B 41 -5.74 -15.47 3.84
N THR B 42 -4.93 -16.26 4.52
CA THR B 42 -3.54 -15.88 4.77
C THR B 42 -2.53 -16.98 4.49
N LEU B 43 -1.51 -16.65 3.69
CA LEU B 43 -0.33 -17.49 3.53
CA LEU B 43 -0.33 -17.49 3.53
C LEU B 43 0.84 -16.72 4.12
N TRP B 44 1.59 -17.33 5.03
CA TRP B 44 2.66 -16.59 5.65
C TRP B 44 3.83 -17.46 6.07
N THR B 45 4.96 -16.86 6.38
CA THR B 45 5.85 -17.55 7.32
C THR B 45 5.50 -16.92 8.68
N PRO B 46 5.32 -17.77 9.70
CA PRO B 46 4.87 -17.30 11.00
C PRO B 46 5.79 -16.23 11.61
N PRO B 47 5.20 -15.24 12.30
CA PRO B 47 6.01 -14.28 13.03
C PRO B 47 6.96 -14.99 13.98
N THR B 48 8.17 -14.48 14.02
CA THR B 48 9.21 -15.06 14.85
C THR B 48 10.22 -13.97 15.18
N SER B 49 11.06 -14.18 16.19
CA SER B 49 12.07 -13.16 16.53
C SER B 49 13.47 -13.71 16.42
N ASN B 50 13.54 -14.94 15.95
CA ASN B 50 14.83 -15.57 15.68
C ASN B 50 14.94 -15.93 14.20
N PRO B 51 16.17 -16.06 13.71
CA PRO B 51 16.35 -16.22 12.26
C PRO B 51 15.63 -17.43 11.69
N ASN B 52 15.07 -17.28 10.48
CA ASN B 52 14.26 -18.30 9.84
C ASN B 52 14.59 -18.44 8.35
N CYS B 53 15.67 -17.78 7.95
CA CYS B 53 15.92 -17.57 6.53
C CYS B 53 17.41 -17.69 6.22
N THR B 54 17.70 -18.20 5.03
CA THR B 54 19.07 -18.39 4.57
C THR B 54 19.29 -17.61 3.29
N VAL B 55 20.03 -16.52 3.39
CA VAL B 55 20.42 -15.76 2.19
C VAL B 55 21.79 -16.22 1.70
N TYR B 56 22.78 -16.20 2.58
CA TYR B 56 24.13 -16.67 2.23
C TYR B 56 24.55 -17.89 3.02
N THR B 57 24.18 -17.93 4.30
CA THR B 57 24.50 -19.08 5.16
C THR B 57 23.28 -19.39 6.02
N GLU B 58 23.23 -20.61 6.55
CA GLU B 58 22.05 -21.11 7.23
C GLU B 58 21.58 -20.20 8.36
N SER B 59 20.30 -19.83 8.31
CA SER B 59 19.70 -19.04 9.38
C SER B 59 20.43 -17.74 9.65
N ASP B 60 20.79 -17.04 8.58
CA ASP B 60 21.54 -15.80 8.72
C ASP B 60 20.65 -14.58 8.78
N SER B 61 19.34 -14.80 8.67
CA SER B 61 18.46 -13.65 8.57
C SER B 61 17.05 -13.98 9.04
N LEU B 62 16.26 -12.93 9.29
CA LEU B 62 14.87 -13.08 9.72
C LEU B 62 13.98 -12.44 8.66
N LEU B 63 13.22 -13.28 7.99
CA LEU B 63 12.30 -12.86 6.95
C LEU B 63 10.89 -12.83 7.52
N SER B 64 10.17 -11.75 7.23
CA SER B 64 8.72 -11.81 7.38
C SER B 64 8.12 -11.70 6.01
N LEU B 65 7.20 -12.62 5.68
CA LEU B 65 6.43 -12.51 4.44
C LEU B 65 5.03 -12.98 4.72
N CYS B 66 4.03 -12.15 4.38
CA CYS B 66 2.67 -12.50 4.68
C CYS B 66 1.80 -12.02 3.54
N LEU B 67 0.96 -12.92 3.03
CA LEU B 67 0.09 -12.62 1.89
C LEU B 67 -1.34 -12.82 2.34
N THR B 68 -2.16 -11.78 2.23
CA THR B 68 -3.57 -11.92 2.61
C THR B 68 -4.47 -11.62 1.43
N LYS B 69 -5.48 -12.45 1.24
CA LYS B 69 -6.35 -12.32 0.05
C LYS B 69 -7.54 -11.44 0.31
N CYS B 70 -7.75 -10.47 -0.56
CA CYS B 70 -8.92 -9.63 -0.49
C CYS B 70 -9.48 -9.52 -1.90
N GLY B 71 -10.50 -10.32 -2.18
CA GLY B 71 -11.03 -10.38 -3.53
C GLY B 71 -9.94 -10.81 -4.49
N ALA B 72 -9.87 -10.11 -5.62
CA ALA B 72 -8.85 -10.40 -6.63
C ALA B 72 -7.45 -9.88 -6.29
N HIS B 73 -7.27 -9.36 -5.08
CA HIS B 73 -5.94 -8.87 -4.67
C HIS B 73 -5.31 -9.75 -3.59
N VAL B 74 -3.99 -9.82 -3.62
CA VAL B 74 -3.22 -10.17 -2.44
C VAL B 74 -2.57 -8.89 -1.94
N LEU B 75 -2.71 -8.64 -0.64
CA LEU B 75 -1.95 -7.62 0.06
C LEU B 75 -0.77 -8.34 0.71
N GLY B 76 0.44 -7.93 0.33
CA GLY B 76 1.63 -8.58 0.83
C GLY B 76 2.42 -7.65 1.72
N SER B 77 3.02 -8.20 2.79
CA SER B 77 4.00 -7.47 3.57
C SER B 77 5.30 -8.26 3.60
N VAL B 78 6.41 -7.54 3.64
CA VAL B 78 7.70 -8.20 3.71
C VAL B 78 8.69 -7.33 4.46
N SER B 79 9.65 -7.98 5.13
CA SER B 79 10.81 -7.31 5.71
C SER B 79 11.89 -8.37 5.85
N LEU B 80 13.14 -7.93 5.93
CA LEU B 80 14.24 -8.88 6.00
C LEU B 80 15.36 -8.31 6.82
N THR B 81 15.70 -8.98 7.92
CA THR B 81 16.68 -8.47 8.86
C THR B 81 17.92 -9.38 8.90
N GLY B 82 19.08 -8.82 8.57
CA GLY B 82 20.30 -9.60 8.68
C GLY B 82 20.65 -9.83 10.15
N VAL B 83 21.10 -11.04 10.47
CA VAL B 83 21.43 -11.40 11.83
C VAL B 83 22.87 -11.94 12.00
N ALA B 84 23.40 -12.62 10.98
CA ALA B 84 24.72 -13.27 11.11
C ALA B 84 25.49 -13.24 9.81
N GLY B 85 26.81 -13.27 9.92
CA GLY B 85 27.65 -13.43 8.74
C GLY B 85 27.60 -12.26 7.79
N THR B 86 27.62 -12.61 6.50
CA THR B 86 27.66 -11.62 5.42
C THR B 86 26.46 -10.67 5.46
N MET B 87 25.33 -11.15 5.96
CA MET B 87 24.16 -10.26 6.15
C MET B 87 24.44 -9.08 7.08
N THR B 88 25.46 -9.20 7.91
CA THR B 88 25.89 -8.10 8.78
C THR B 88 27.07 -7.29 8.26
N ASN B 89 27.59 -7.67 7.09
CA ASN B 89 28.79 -7.04 6.55
C ASN B 89 28.81 -7.42 5.07
N MET B 90 27.98 -6.72 4.30
CA MET B 90 27.62 -7.17 2.96
C MET B 90 28.79 -7.18 1.97
N ALA B 91 28.73 -8.15 1.07
CA ALA B 91 29.74 -8.34 0.04
C ALA B 91 29.26 -7.89 -1.33
N GLU B 92 27.94 -7.71 -1.46
CA GLU B 92 27.33 -7.28 -2.73
C GLU B 92 26.44 -6.06 -2.52
N THR B 93 26.11 -5.35 -3.60
CA THR B 93 25.32 -4.12 -3.45
C THR B 93 23.85 -4.32 -3.76
N SER B 94 23.43 -5.57 -3.81
CA SER B 94 22.01 -5.89 -3.85
C SER B 94 21.80 -7.28 -3.30
N LEU B 95 20.58 -7.56 -2.89
CA LEU B 95 20.21 -8.82 -2.30
C LEU B 95 18.89 -9.24 -2.91
N ALA B 96 18.83 -10.47 -3.41
CA ALA B 96 17.61 -10.96 -4.03
C ALA B 96 17.21 -12.31 -3.49
N ILE B 97 15.92 -12.47 -3.26
CA ILE B 97 15.38 -13.77 -2.86
C ILE B 97 14.13 -14.05 -3.70
N GLU B 98 13.75 -15.31 -3.81
CA GLU B 98 12.61 -15.64 -4.64
C GLU B 98 11.81 -16.80 -4.05
N PHE B 99 10.50 -16.70 -4.16
CA PHE B 99 9.57 -17.79 -3.87
C PHE B 99 9.02 -18.28 -5.20
N THR B 100 9.28 -19.55 -5.54
CA THR B 100 8.81 -20.10 -6.81
C THR B 100 7.77 -21.19 -6.54
N PHE B 101 6.73 -21.19 -7.36
CA PHE B 101 5.62 -22.11 -7.20
C PHE B 101 5.37 -22.84 -8.49
N ASP B 102 4.83 -24.06 -8.42
CA ASP B 102 4.47 -24.76 -9.65
C ASP B 102 3.12 -24.28 -10.20
N ASP B 103 2.66 -24.88 -11.29
CA ASP B 103 1.45 -24.36 -11.93
C ASP B 103 0.15 -24.66 -11.17
N THR B 104 0.25 -25.36 -10.05
CA THR B 104 -0.89 -25.51 -9.15
C THR B 104 -0.80 -24.59 -7.94
N GLY B 105 0.25 -23.78 -7.86
CA GLY B 105 0.46 -22.91 -6.71
C GLY B 105 1.21 -23.52 -5.53
N LYS B 106 1.77 -24.71 -5.74
CA LYS B 106 2.55 -25.37 -4.70
C LYS B 106 3.96 -24.79 -4.63
N LEU B 107 4.44 -24.50 -3.43
CA LEU B 107 5.78 -23.95 -3.26
C LEU B 107 6.85 -24.94 -3.70
N LEU B 108 7.77 -24.49 -4.54
CA LEU B 108 8.89 -25.29 -5.01
C LEU B 108 10.19 -24.91 -4.32
N HIS B 109 10.45 -23.61 -4.20
CA HIS B 109 11.66 -23.17 -3.55
C HIS B 109 11.43 -21.83 -2.88
N SER B 110 12.17 -21.61 -1.78
CA SER B 110 12.24 -20.35 -1.08
C SER B 110 13.53 -20.33 -0.25
N PRO B 111 13.91 -19.17 0.29
CA PRO B 111 15.12 -19.12 1.12
C PRO B 111 14.87 -19.52 2.57
N LEU B 112 13.64 -19.89 2.92
CA LEU B 112 13.35 -20.24 4.31
C LEU B 112 14.15 -21.46 4.74
N VAL B 113 14.65 -21.45 5.97
CA VAL B 113 15.44 -22.56 6.52
C VAL B 113 14.63 -23.85 6.58
N ASN B 114 13.40 -23.74 7.06
CA ASN B 114 12.48 -24.87 7.19
C ASN B 114 11.28 -24.62 6.29
N ASN B 115 10.48 -25.65 6.03
CA ASN B 115 9.30 -25.50 5.21
C ASN B 115 8.16 -24.86 6.02
N THR B 116 8.24 -23.54 6.20
CA THR B 116 7.37 -22.83 7.11
C THR B 116 6.40 -21.88 6.40
N PHE B 117 6.51 -21.75 5.08
CA PHE B 117 5.53 -20.92 4.36
C PHE B 117 4.25 -21.69 4.24
N SER B 118 3.23 -21.23 4.94
CA SER B 118 2.07 -22.08 5.16
C SER B 118 0.80 -21.29 5.35
N ILE B 119 -0.32 -21.99 5.27
CA ILE B 119 -1.61 -21.44 5.62
C ILE B 119 -1.63 -21.10 7.10
N ARG B 120 -2.18 -19.94 7.44
CA ARG B 120 -2.23 -19.52 8.83
C ARG B 120 -3.21 -20.37 9.65
N GLN B 121 -2.72 -20.94 10.75
CA GLN B 121 -3.54 -21.80 11.61
C GLN B 121 -4.64 -21.02 12.30
N ASN B 132 -7.51 -23.15 -2.25
CA ASN B 132 -7.12 -22.96 -3.64
C ASN B 132 -5.87 -22.08 -3.76
N ALA B 133 -4.71 -22.73 -3.91
CA ALA B 133 -3.42 -22.02 -3.97
C ALA B 133 -3.36 -20.98 -5.09
N LEU B 134 -4.05 -21.26 -6.19
CA LEU B 134 -4.04 -20.33 -7.33
C LEU B 134 -4.70 -19.01 -6.97
N ALA B 135 -5.50 -19.00 -5.91
CA ALA B 135 -6.15 -17.77 -5.49
C ALA B 135 -5.15 -16.79 -4.87
N PHE B 136 -3.93 -17.26 -4.61
CA PHE B 136 -2.86 -16.42 -4.07
C PHE B 136 -1.75 -16.16 -5.08
N MET B 137 -1.83 -16.77 -6.26
CA MET B 137 -0.75 -16.64 -7.23
C MET B 137 -0.91 -15.37 -8.07
N PRO B 138 0.20 -14.75 -8.48
CA PRO B 138 0.07 -13.57 -9.34
C PRO B 138 -0.56 -13.92 -10.69
N ASN B 139 -1.48 -13.07 -11.12
CA ASN B 139 -2.19 -13.27 -12.37
C ASN B 139 -1.25 -13.42 -13.57
N SER B 140 -1.36 -14.53 -14.30
CA SER B 140 -0.40 -14.83 -15.38
C SER B 140 -0.77 -14.21 -16.72
N THR B 141 -1.96 -13.60 -16.79
CA THR B 141 -2.33 -12.82 -17.95
C THR B 141 -1.74 -11.41 -17.83
N LEU B 142 -1.94 -10.77 -16.67
CA LEU B 142 -1.41 -9.42 -16.47
C LEU B 142 0.10 -9.45 -16.28
N TYR B 143 0.57 -10.40 -15.48
CA TYR B 143 2.00 -10.56 -15.20
C TYR B 143 2.51 -11.80 -15.93
N ALA B 144 2.93 -11.62 -17.18
CA ALA B 144 3.28 -12.76 -18.01
C ALA B 144 4.48 -13.47 -17.44
N ARG B 145 4.47 -14.80 -17.54
CA ARG B 145 5.60 -15.60 -17.12
C ARG B 145 6.85 -15.21 -17.91
N GLY B 146 7.98 -15.20 -17.21
CA GLY B 146 9.23 -14.79 -17.80
C GLY B 146 9.26 -13.29 -18.05
N GLY B 147 8.39 -12.56 -17.35
CA GLY B 147 8.23 -11.14 -17.59
C GLY B 147 8.93 -10.19 -16.63
N SER B 148 10.06 -10.58 -16.06
CA SER B 148 10.77 -9.69 -15.12
C SER B 148 11.17 -8.37 -15.79
N GLY B 149 11.35 -8.37 -17.10
CA GLY B 149 11.70 -7.15 -17.82
C GLY B 149 10.51 -6.27 -18.17
N GLU B 150 9.29 -6.73 -17.89
CA GLU B 150 8.12 -5.93 -18.26
C GLU B 150 7.76 -5.00 -17.10
N PRO B 151 7.54 -3.72 -17.36
CA PRO B 151 7.25 -2.82 -16.24
C PRO B 151 6.06 -3.24 -15.38
N ARG B 152 4.98 -3.73 -15.97
CA ARG B 152 3.80 -4.04 -15.17
C ARG B 152 3.96 -5.28 -14.27
N ASN B 153 5.05 -6.02 -14.46
CA ASN B 153 5.34 -7.17 -13.60
C ASN B 153 6.14 -6.74 -12.38
N ASN B 154 6.48 -5.45 -12.31
CA ASN B 154 7.33 -4.96 -11.23
C ASN B 154 6.64 -3.92 -10.38
N TYR B 155 6.86 -4.02 -9.07
CA TYR B 155 6.26 -3.12 -8.09
C TYR B 155 7.38 -2.53 -7.24
N TYR B 156 7.51 -1.21 -7.24
CA TYR B 156 8.67 -0.57 -6.59
C TYR B 156 8.30 0.05 -5.25
N VAL B 157 9.17 -0.17 -4.27
CA VAL B 157 8.94 0.37 -2.92
C VAL B 157 10.18 1.16 -2.49
N GLN B 158 9.97 2.34 -1.93
CA GLN B 158 11.07 3.11 -1.37
C GLN B 158 11.14 2.86 0.13
N THR B 159 12.33 2.57 0.63
CA THR B 159 12.49 2.44 2.08
C THR B 159 13.90 2.88 2.45
N TYR B 160 14.34 2.54 3.66
CA TYR B 160 15.64 2.99 4.14
C TYR B 160 16.37 1.81 4.73
N LEU B 161 17.59 1.60 4.27
CA LEU B 161 18.40 0.50 4.78
C LEU B 161 18.60 0.71 6.28
N ARG B 162 18.22 -0.27 7.09
CA ARG B 162 18.34 -0.21 8.56
C ARG B 162 17.53 0.92 9.16
N GLY B 163 16.58 1.46 8.39
CA GLY B 163 15.82 2.61 8.85
C GLY B 163 16.66 3.88 8.93
N ASN B 164 17.83 3.88 8.29
CA ASN B 164 18.77 5.00 8.30
C ASN B 164 18.39 6.01 7.22
N VAL B 165 18.09 7.24 7.61
CA VAL B 165 17.64 8.24 6.63
C VAL B 165 18.69 8.59 5.58
N GLN B 166 19.96 8.31 5.87
CA GLN B 166 21.03 8.50 4.91
C GLN B 166 21.22 7.31 3.99
N ARG B 167 20.32 6.34 4.08
CA ARG B 167 20.45 5.14 3.25
C ARG B 167 19.14 4.79 2.54
N PRO B 168 18.63 5.71 1.70
CA PRO B 168 17.44 5.34 0.91
C PRO B 168 17.76 4.17 -0.03
N ILE B 169 16.84 3.22 -0.12
CA ILE B 169 17.02 2.05 -0.99
C ILE B 169 15.70 1.74 -1.67
N THR B 170 15.78 0.98 -2.76
CA THR B 170 14.59 0.53 -3.46
C THR B 170 14.42 -0.97 -3.27
N LEU B 171 13.19 -1.40 -3.01
CA LEU B 171 12.83 -2.80 -3.07
C LEU B 171 12.05 -2.94 -4.38
N THR B 172 12.46 -3.89 -5.21
CA THR B 172 11.69 -4.24 -6.40
C THR B 172 11.03 -5.58 -6.13
N VAL B 173 9.70 -5.61 -6.17
CA VAL B 173 9.00 -6.88 -6.11
C VAL B 173 8.60 -7.25 -7.53
N THR B 174 8.88 -8.48 -7.94
CA THR B 174 8.56 -8.90 -9.28
C THR B 174 7.62 -10.08 -9.27
N PHE B 175 6.63 -10.01 -10.14
CA PHE B 175 5.63 -11.06 -10.27
C PHE B 175 5.91 -11.92 -11.49
N ASN B 176 5.98 -13.23 -11.26
CA ASN B 176 6.11 -14.20 -12.37
C ASN B 176 7.36 -14.01 -13.26
N SER B 177 8.47 -13.70 -12.64
CA SER B 177 9.78 -13.76 -13.29
C SER B 177 10.05 -15.19 -13.80
N ALA B 178 9.60 -16.20 -13.06
CA ALA B 178 9.82 -17.59 -13.47
C ALA B 178 9.18 -17.92 -14.83
N ALA B 179 9.89 -18.73 -15.62
CA ALA B 179 9.45 -19.06 -16.97
C ALA B 179 8.21 -19.95 -16.96
N THR B 180 8.08 -20.75 -15.92
CA THR B 180 6.94 -21.64 -15.74
C THR B 180 6.41 -21.46 -14.32
N GLY B 181 5.18 -21.89 -14.08
CA GLY B 181 4.60 -21.77 -12.76
C GLY B 181 4.41 -20.30 -12.38
N TYR B 182 4.59 -19.99 -11.10
CA TYR B 182 4.40 -18.63 -10.61
C TYR B 182 5.57 -18.26 -9.74
N SER B 183 5.80 -16.97 -9.54
CA SER B 183 6.86 -16.58 -8.63
C SER B 183 6.64 -15.21 -8.03
N LEU B 184 7.22 -15.02 -6.85
CA LEU B 184 7.33 -13.70 -6.22
C LEU B 184 8.81 -13.48 -5.90
N SER B 185 9.38 -12.42 -6.46
CA SER B 185 10.80 -12.14 -6.29
C SER B 185 10.95 -10.80 -5.57
N PHE B 186 11.97 -10.71 -4.73
CA PHE B 186 12.26 -9.48 -4.00
C PHE B 186 13.73 -9.13 -4.19
N LYS B 187 14.01 -7.88 -4.57
CA LYS B 187 15.39 -7.45 -4.70
C LYS B 187 15.54 -6.10 -4.03
N TRP B 188 16.46 -6.01 -3.08
CA TRP B 188 16.73 -4.75 -2.40
C TRP B 188 18.13 -4.24 -2.71
N THR B 189 18.29 -2.93 -2.86
CA THR B 189 19.61 -2.29 -2.86
C THR B 189 20.30 -2.54 -1.53
N ALA B 190 21.63 -2.63 -1.53
CA ALA B 190 22.38 -2.85 -0.29
C ALA B 190 23.68 -2.07 -0.37
N VAL B 191 24.34 -1.89 0.78
CA VAL B 191 25.62 -1.17 0.79
C VAL B 191 26.71 -2.12 1.28
N VAL B 192 27.81 -2.23 0.52
CA VAL B 192 28.85 -3.19 0.93
C VAL B 192 29.49 -2.72 2.22
N ARG B 193 29.97 -3.71 2.98
CA ARG B 193 30.63 -3.48 4.26
C ARG B 193 29.72 -2.84 5.30
N GLU B 194 28.42 -2.95 5.07
CA GLU B 194 27.42 -2.55 6.08
C GLU B 194 26.43 -3.69 6.30
N LYS B 195 25.76 -3.65 7.45
CA LYS B 195 24.70 -4.60 7.71
C LYS B 195 23.50 -4.40 6.79
N PHE B 196 22.87 -5.51 6.42
CA PHE B 196 21.61 -5.42 5.69
C PHE B 196 20.41 -5.57 6.62
N ALA B 197 19.48 -4.60 6.58
CA ALA B 197 18.13 -4.81 7.13
C ALA B 197 17.17 -3.94 6.35
N ALA B 198 16.08 -4.56 5.93
CA ALA B 198 15.03 -3.86 5.18
C ALA B 198 13.82 -3.77 6.09
N PRO B 199 13.33 -2.53 6.33
CA PRO B 199 12.17 -2.32 7.21
C PRO B 199 10.89 -2.91 6.67
N ALA B 200 9.83 -2.75 7.47
CA ALA B 200 8.50 -3.18 7.06
C ALA B 200 8.07 -2.47 5.78
N THR B 201 7.60 -3.26 4.81
CA THR B 201 7.11 -2.75 3.56
C THR B 201 5.88 -3.54 3.13
N SER B 202 5.19 -3.04 2.11
CA SER B 202 4.07 -3.79 1.58
C SER B 202 3.88 -3.56 0.09
N PHE B 203 3.06 -4.43 -0.51
CA PHE B 203 2.81 -4.40 -1.94
C PHE B 203 1.49 -5.11 -2.21
N CYS B 204 1.03 -5.06 -3.45
CA CYS B 204 -0.27 -5.57 -3.80
C CYS B 204 -0.24 -6.03 -5.24
N TYR B 205 -0.86 -7.18 -5.50
CA TYR B 205 -0.96 -7.69 -6.87
C TYR B 205 -2.32 -8.35 -7.12
N ILE B 206 -2.71 -8.42 -8.39
CA ILE B 206 -3.94 -9.11 -8.81
C ILE B 206 -3.66 -10.62 -8.91
N THR B 207 -4.61 -11.43 -8.46
CA THR B 207 -4.40 -12.87 -8.40
C THR B 207 -4.90 -13.60 -9.64
N GLU B 208 -4.41 -14.83 -9.78
CA GLU B 208 -4.77 -15.69 -10.90
C GLU B 208 -6.22 -16.12 -10.85
N GLN B 209 -6.69 -16.50 -9.66
CA GLN B 209 -8.09 -16.88 -9.46
C GLN B 209 -8.67 -16.22 -8.23
N SER C 16 -17.85 8.11 19.26
CA SER C 16 -16.63 8.33 20.01
C SER C 16 -15.44 8.70 19.09
N GLY C 17 -14.24 8.73 19.63
CA GLY C 17 -13.08 9.14 18.86
C GLY C 17 -12.60 8.08 17.90
N ILE C 18 -12.49 6.86 18.41
CA ILE C 18 -12.33 5.69 17.58
C ILE C 18 -13.57 4.83 17.69
N GLU C 19 -14.12 4.42 16.56
CA GLU C 19 -15.28 3.56 16.56
C GLU C 19 -14.97 2.27 15.78
N GLY C 20 -15.55 1.16 16.24
CA GLY C 20 -15.40 -0.10 15.55
C GLY C 20 -16.67 -0.45 14.78
N ARG C 21 -16.52 -0.99 13.57
CA ARG C 21 -17.66 -1.28 12.70
C ARG C 21 -17.59 -2.72 12.19
N PRO C 22 -18.74 -3.38 12.04
CA PRO C 22 -18.79 -4.80 11.68
C PRO C 22 -18.37 -5.15 10.25
N GLY C 39 -16.61 -10.13 14.46
CA GLY C 39 -17.62 -9.27 13.89
C GLY C 39 -17.06 -7.94 13.43
N ILE C 40 -16.19 -7.35 14.25
CA ILE C 40 -15.62 -6.04 13.95
C ILE C 40 -14.48 -6.14 12.92
N GLN C 41 -14.63 -5.43 11.80
CA GLN C 41 -13.63 -5.48 10.73
C GLN C 41 -12.87 -4.16 10.57
N THR C 42 -13.44 -3.06 11.07
CA THR C 42 -12.88 -1.74 10.89
C THR C 42 -12.78 -1.00 12.21
N LEU C 43 -11.62 -0.40 12.50
CA LEU C 43 -11.52 0.59 13.58
C LEU C 43 -11.16 1.90 12.91
N TRP C 44 -11.88 2.98 13.20
CA TRP C 44 -11.53 4.22 12.52
C TRP C 44 -11.87 5.46 13.31
N THR C 45 -11.25 6.57 12.93
CA THR C 45 -11.76 7.88 13.30
C THR C 45 -12.94 8.13 12.36
N PRO C 46 -14.14 8.40 12.91
CA PRO C 46 -15.26 8.61 11.99
C PRO C 46 -14.98 9.77 11.04
N PRO C 47 -15.47 9.67 9.80
CA PRO C 47 -15.28 10.78 8.86
C PRO C 47 -15.82 12.08 9.46
N THR C 48 -15.07 13.14 9.23
CA THR C 48 -15.44 14.44 9.76
C THR C 48 -14.99 15.54 8.81
N SER C 49 -15.75 16.64 8.82
CA SER C 49 -15.40 17.85 8.09
C SER C 49 -14.63 18.83 8.98
N ASN C 50 -14.62 18.53 10.27
CA ASN C 50 -14.12 19.48 11.28
C ASN C 50 -12.93 18.89 12.03
N PRO C 51 -12.14 19.74 12.69
CA PRO C 51 -10.98 19.20 13.42
C PRO C 51 -11.39 18.25 14.53
N ASN C 52 -10.61 17.19 14.72
CA ASN C 52 -10.97 16.15 15.64
C ASN C 52 -9.76 15.71 16.46
N CYS C 53 -8.67 16.46 16.33
CA CYS C 53 -7.38 16.01 16.83
C CYS C 53 -6.63 17.16 17.49
N THR C 54 -5.84 16.83 18.50
CA THR C 54 -5.06 17.82 19.21
C THR C 54 -3.58 17.45 19.16
N VAL C 55 -2.81 18.11 18.30
CA VAL C 55 -1.37 17.86 18.24
C VAL C 55 -0.66 18.79 19.23
N TYR C 56 -0.85 20.09 19.07
CA TYR C 56 -0.26 21.09 19.98
C TYR C 56 -1.30 21.76 20.85
N THR C 57 -2.42 22.16 20.25
CA THR C 57 -3.50 22.80 20.98
C THR C 57 -4.83 22.16 20.59
N GLU C 58 -5.85 22.33 21.43
CA GLU C 58 -7.11 21.61 21.25
C GLU C 58 -7.75 21.81 19.89
N SER C 59 -8.12 20.70 19.26
CA SER C 59 -8.78 20.72 17.96
C SER C 59 -8.00 21.52 16.92
N ASP C 60 -6.69 21.32 16.85
CA ASP C 60 -5.87 22.06 15.90
C ASP C 60 -5.70 21.35 14.55
N SER C 61 -6.29 20.16 14.42
CA SER C 61 -6.02 19.36 13.24
C SER C 61 -7.12 18.35 12.95
N LEU C 62 -7.14 17.86 11.73
CA LEU C 62 -8.12 16.86 11.29
C LEU C 62 -7.35 15.57 10.94
N LEU C 63 -7.53 14.55 11.77
CA LEU C 63 -6.84 13.28 11.57
C LEU C 63 -7.81 12.29 10.94
N SER C 64 -7.33 11.56 9.93
CA SER C 64 -8.04 10.38 9.49
C SER C 64 -7.16 9.18 9.74
N LEU C 65 -7.67 8.21 10.49
CA LEU C 65 -6.99 6.92 10.72
C LEU C 65 -8.00 5.82 10.59
N CYS C 66 -7.71 4.85 9.74
CA CYS C 66 -8.62 3.75 9.55
C CYS C 66 -7.83 2.44 9.46
N LEU C 67 -8.23 1.46 10.26
CA LEU C 67 -7.55 0.16 10.31
C LEU C 67 -8.56 -0.91 9.96
N THR C 68 -8.31 -1.64 8.87
CA THR C 68 -9.23 -2.72 8.46
C THR C 68 -8.54 -4.07 8.51
N LYS C 69 -9.24 -5.07 9.04
CA LYS C 69 -8.66 -6.38 9.18
C LYS C 69 -8.84 -7.23 7.92
N CYS C 70 -7.72 -7.72 7.41
CA CYS C 70 -7.69 -8.57 6.22
C CYS C 70 -6.81 -9.76 6.55
N GLY C 71 -7.42 -10.82 7.09
CA GLY C 71 -6.64 -11.96 7.53
C GLY C 71 -5.68 -11.53 8.61
N ALA C 72 -4.44 -12.00 8.52
CA ALA C 72 -3.42 -11.63 9.50
C ALA C 72 -2.89 -10.20 9.34
N HIS C 73 -3.41 -9.44 8.37
CA HIS C 73 -2.98 -8.06 8.20
C HIS C 73 -4.00 -7.07 8.72
N VAL C 74 -3.50 -5.94 9.20
CA VAL C 74 -4.28 -4.72 9.19
C VAL C 74 -3.78 -3.86 8.06
N LEU C 75 -4.72 -3.39 7.25
CA LEU C 75 -4.48 -2.37 6.24
C LEU C 75 -4.85 -1.05 6.87
N GLY C 76 -3.89 -0.13 6.91
CA GLY C 76 -4.13 1.14 7.57
C GLY C 76 -4.04 2.27 6.58
N SER C 77 -4.89 3.29 6.80
CA SER C 77 -4.75 4.55 6.07
C SER C 77 -4.67 5.69 7.07
N VAL C 78 -3.93 6.72 6.71
CA VAL C 78 -3.81 7.88 7.59
C VAL C 78 -3.56 9.16 6.79
N SER C 79 -4.11 10.26 7.27
CA SER C 79 -3.75 11.59 6.80
C SER C 79 -3.94 12.55 7.97
N LEU C 80 -3.27 13.69 7.92
CA LEU C 80 -3.37 14.65 9.02
C LEU C 80 -3.29 16.05 8.45
N THR C 81 -4.34 16.83 8.66
CA THR C 81 -4.44 18.18 8.13
C THR C 81 -4.42 19.23 9.25
N GLY C 82 -3.43 20.13 9.20
CA GLY C 82 -3.39 21.22 10.18
C GLY C 82 -4.51 22.21 9.93
N VAL C 83 -5.15 22.68 11.01
CA VAL C 83 -6.27 23.63 10.89
C VAL C 83 -6.00 24.93 11.63
N ALA C 84 -5.29 24.86 12.73
CA ALA C 84 -5.13 26.04 13.59
C ALA C 84 -3.81 26.03 14.34
N GLY C 85 -3.34 27.21 14.73
CA GLY C 85 -2.20 27.30 15.63
C GLY C 85 -0.90 26.91 14.98
N THR C 86 -0.05 26.28 15.75
CA THR C 86 1.27 25.86 15.29
C THR C 86 1.20 24.94 14.07
N MET C 87 0.13 24.16 13.97
CA MET C 87 -0.12 23.32 12.79
C MET C 87 -0.22 24.11 11.49
N THR C 88 -0.49 25.42 11.58
CA THR C 88 -0.53 26.23 10.36
C THR C 88 0.71 27.10 10.19
N ASN C 89 1.66 26.95 11.10
CA ASN C 89 2.92 27.69 11.03
C ASN C 89 3.94 26.99 11.90
N MET C 90 4.58 25.95 11.35
CA MET C 90 5.35 25.01 12.16
C MET C 90 6.62 25.60 12.76
N ALA C 91 6.91 25.14 13.97
CA ALA C 91 8.10 25.54 14.71
C ALA C 91 9.18 24.45 14.68
N GLU C 92 8.77 23.20 14.47
CA GLU C 92 9.70 22.06 14.43
C GLU C 92 9.70 21.39 13.06
N THR C 93 10.72 20.56 12.81
CA THR C 93 10.85 19.90 11.50
C THR C 93 10.29 18.48 11.54
N SER C 94 9.57 18.16 12.60
CA SER C 94 8.79 16.92 12.65
C SER C 94 7.64 17.01 13.63
N LEU C 95 6.69 16.08 13.50
CA LEU C 95 5.52 16.04 14.34
C LEU C 95 5.21 14.57 14.59
N ALA C 96 4.87 14.20 15.82
CA ALA C 96 4.56 12.81 16.10
C ALA C 96 3.31 12.66 16.95
N ILE C 97 2.53 11.62 16.68
CA ILE C 97 1.42 11.27 17.54
C ILE C 97 1.43 9.78 17.76
N GLU C 98 0.78 9.33 18.81
CA GLU C 98 0.79 7.92 19.13
C GLU C 98 -0.56 7.46 19.66
N PHE C 99 -0.95 6.26 19.25
CA PHE C 99 -2.09 5.56 19.83
C PHE C 99 -1.54 4.42 20.67
N THR C 100 -1.84 4.42 21.96
CA THR C 100 -1.30 3.42 22.86
C THR C 100 -2.42 2.57 23.40
N PHE C 101 -2.21 1.25 23.45
CA PHE C 101 -3.20 0.30 23.94
C PHE C 101 -2.61 -0.56 25.06
N ASP C 102 -3.46 -1.08 25.94
CA ASP C 102 -2.97 -2.01 26.95
C ASP C 102 -2.78 -3.42 26.42
N ASP C 103 -2.42 -4.35 27.30
CA ASP C 103 -2.12 -5.69 26.84
C ASP C 103 -3.36 -6.50 26.43
N THR C 104 -4.55 -5.92 26.62
CA THR C 104 -5.78 -6.53 26.12
C THR C 104 -6.24 -5.86 24.83
N GLY C 105 -5.50 -4.86 24.38
CA GLY C 105 -5.88 -4.13 23.17
C GLY C 105 -6.82 -2.96 23.41
N LYS C 106 -7.07 -2.62 24.67
CA LYS C 106 -7.91 -1.47 25.02
C LYS C 106 -7.14 -0.17 24.83
N LEU C 107 -7.78 0.80 24.19
CA LEU C 107 -7.15 2.11 24.00
C LEU C 107 -6.86 2.82 25.32
N LEU C 108 -5.63 3.26 25.50
CA LEU C 108 -5.20 4.00 26.68
C LEU C 108 -5.11 5.48 26.41
N HIS C 109 -4.54 5.85 25.26
CA HIS C 109 -4.41 7.23 24.90
C HIS C 109 -4.28 7.43 23.40
N SER C 110 -4.72 8.59 22.93
CA SER C 110 -4.60 9.00 21.54
C SER C 110 -4.65 10.52 21.54
N PRO C 111 -4.28 11.15 20.42
CA PRO C 111 -4.36 12.61 20.31
C PRO C 111 -5.76 13.11 19.97
N LEU C 112 -6.73 12.21 19.92
CA LEU C 112 -8.07 12.60 19.49
C LEU C 112 -8.77 13.49 20.52
N VAL C 113 -9.54 14.46 20.03
CA VAL C 113 -10.29 15.36 20.91
C VAL C 113 -11.27 14.56 21.73
N ASN C 114 -11.96 13.64 21.06
CA ASN C 114 -12.84 12.72 21.74
C ASN C 114 -12.00 11.48 22.03
N ASN C 115 -11.29 11.50 23.15
CA ASN C 115 -10.31 10.47 23.45
C ASN C 115 -10.97 9.24 24.04
N THR C 116 -11.79 8.58 23.22
CA THR C 116 -12.57 7.44 23.68
C THR C 116 -12.72 6.45 22.56
N PHE C 117 -13.25 5.28 22.88
CA PHE C 117 -13.36 4.18 21.92
C PHE C 117 -14.80 3.67 21.85
N TYR C 131 -16.06 -8.53 19.02
CA TYR C 131 -14.84 -7.73 18.95
C TYR C 131 -13.66 -8.31 19.72
N ASN C 132 -12.59 -8.61 19.00
CA ASN C 132 -11.36 -9.03 19.62
C ASN C 132 -10.32 -7.98 19.30
N ALA C 133 -10.05 -7.11 20.26
CA ALA C 133 -9.10 -6.02 20.06
C ALA C 133 -7.72 -6.53 19.64
N LEU C 134 -7.31 -7.70 20.12
CA LEU C 134 -5.97 -8.21 19.77
C LEU C 134 -5.85 -8.52 18.29
N ALA C 135 -6.99 -8.68 17.62
CA ALA C 135 -6.98 -8.96 16.19
C ALA C 135 -6.55 -7.73 15.40
N PHE C 136 -6.50 -6.58 16.05
CA PHE C 136 -6.08 -5.31 15.42
C PHE C 136 -4.73 -4.81 15.90
N MET C 137 -4.15 -5.49 16.88
CA MET C 137 -2.89 -5.03 17.47
C MET C 137 -1.70 -5.52 16.66
N PRO C 138 -0.64 -4.70 16.56
CA PRO C 138 0.56 -5.19 15.87
C PRO C 138 1.15 -6.40 16.61
N ASN C 139 1.57 -7.38 15.83
CA ASN C 139 2.12 -8.63 16.35
C ASN C 139 3.34 -8.36 17.25
N SER C 140 3.30 -8.87 18.49
CA SER C 140 4.35 -8.56 19.46
C SER C 140 5.53 -9.52 19.38
N THR C 141 5.40 -10.58 18.58
CA THR C 141 6.54 -11.47 18.32
C THR C 141 7.43 -10.84 17.26
N LEU C 142 6.83 -10.39 16.16
CA LEU C 142 7.59 -9.80 15.08
C LEU C 142 8.01 -8.36 15.38
N TYR C 143 7.07 -7.57 15.93
CA TYR C 143 7.35 -6.19 16.29
C TYR C 143 7.47 -6.14 17.82
N ALA C 144 8.66 -6.41 18.33
CA ALA C 144 8.83 -6.51 19.76
C ALA C 144 8.54 -5.20 20.49
N ARG C 145 7.97 -5.32 21.69
CA ARG C 145 7.68 -4.16 22.50
C ARG C 145 8.96 -3.42 22.86
N GLY C 146 8.91 -2.08 22.79
CA GLY C 146 10.10 -1.25 22.95
C GLY C 146 11.05 -1.27 21.78
N GLY C 147 10.62 -1.85 20.67
CA GLY C 147 11.50 -2.10 19.54
C GLY C 147 11.53 -1.01 18.47
N SER C 148 11.34 0.25 18.83
CA SER C 148 11.36 1.31 17.81
C SER C 148 12.70 1.39 17.10
N GLY C 149 13.76 0.94 17.77
CA GLY C 149 15.07 0.91 17.13
C GLY C 149 15.30 -0.22 16.14
N GLU C 150 14.39 -1.19 16.06
CA GLU C 150 14.50 -2.30 15.13
C GLU C 150 13.88 -1.90 13.80
N PRO C 151 14.64 -2.01 12.71
CA PRO C 151 14.12 -1.58 11.41
C PRO C 151 12.78 -2.25 11.05
N ARG C 152 12.59 -3.52 11.36
CA ARG C 152 11.35 -4.20 10.96
C ARG C 152 10.11 -3.72 11.75
N ASN C 153 10.31 -2.95 12.83
CA ASN C 153 9.19 -2.33 13.55
C ASN C 153 8.75 -1.02 12.92
N ASN C 154 9.42 -0.61 11.86
CA ASN C 154 9.15 0.69 11.22
C ASN C 154 8.76 0.54 9.75
N TYR C 155 7.77 1.33 9.36
CA TYR C 155 7.24 1.32 7.99
C TYR C 155 7.32 2.75 7.48
N TYR C 156 8.05 2.97 6.38
CA TYR C 156 8.33 4.32 5.88
C TYR C 156 7.49 4.62 4.65
N VAL C 157 6.92 5.82 4.63
CA VAL C 157 6.14 6.28 3.49
C VAL C 157 6.69 7.61 3.01
N GLN C 158 6.94 7.71 1.71
CA GLN C 158 7.28 9.01 1.11
C GLN C 158 6.02 9.74 0.66
N THR C 159 5.90 11.00 1.03
CA THR C 159 4.78 11.76 0.54
C THR C 159 5.22 13.22 0.41
N TYR C 160 4.26 14.12 0.26
CA TYR C 160 4.59 15.51 -0.04
C TYR C 160 3.78 16.42 0.86
N LEU C 161 4.46 17.32 1.54
CA LEU C 161 3.80 18.27 2.43
C LEU C 161 2.78 19.10 1.68
N ARG C 162 1.55 19.08 2.18
CA ARG C 162 0.41 19.77 1.54
C ARG C 162 0.22 19.36 0.07
N GLY C 163 0.71 18.18 -0.28
CA GLY C 163 0.64 17.71 -1.65
C GLY C 163 1.45 18.57 -2.61
N ASN C 164 2.52 19.19 -2.10
CA ASN C 164 3.43 19.99 -2.91
C ASN C 164 4.70 19.18 -3.19
N VAL C 165 4.95 18.85 -4.45
CA VAL C 165 6.11 17.99 -4.78
C VAL C 165 7.46 18.65 -4.52
N GLN C 166 7.48 19.97 -4.32
CA GLN C 166 8.71 20.63 -3.89
C GLN C 166 8.91 20.52 -2.38
N ARG C 167 8.04 19.76 -1.73
CA ARG C 167 8.13 19.58 -0.29
C ARG C 167 8.07 18.11 0.13
N PRO C 168 9.03 17.30 -0.35
CA PRO C 168 9.02 15.88 0.05
C PRO C 168 9.17 15.73 1.56
N ILE C 169 8.36 14.87 2.14
CA ILE C 169 8.46 14.55 3.56
C ILE C 169 8.33 13.05 3.72
N THR C 170 8.72 12.53 4.89
CA THR C 170 8.59 11.12 5.18
C THR C 170 7.64 10.92 6.36
N LEU C 171 6.78 9.92 6.25
CA LEU C 171 6.03 9.39 7.40
C LEU C 171 6.68 8.10 7.87
N THR C 172 6.97 8.02 9.16
CA THR C 172 7.43 6.78 9.76
C THR C 172 6.31 6.28 10.63
N VAL C 173 5.82 5.08 10.34
CA VAL C 173 4.86 4.41 11.20
C VAL C 173 5.62 3.37 12.01
N THR C 174 5.49 3.39 13.34
CA THR C 174 6.22 2.44 14.15
C THR C 174 5.27 1.57 14.94
N PHE C 175 5.55 0.28 14.96
CA PHE C 175 4.72 -0.72 15.62
C PHE C 175 5.34 -1.05 16.97
N ASN C 176 4.52 -0.92 18.02
CA ASN C 176 4.88 -1.39 19.36
C ASN C 176 6.11 -0.71 19.97
N SER C 177 6.21 0.60 19.76
CA SER C 177 7.22 1.38 20.46
C SER C 177 7.03 1.30 21.97
N ALA C 178 5.79 1.17 22.41
CA ALA C 178 5.49 1.08 23.84
C ALA C 178 6.18 -0.12 24.48
N ALA C 179 6.71 0.06 25.69
CA ALA C 179 7.36 -1.05 26.34
C ALA C 179 6.41 -2.10 26.89
N THR C 180 5.15 -1.72 27.12
CA THR C 180 4.11 -2.69 27.50
C THR C 180 2.89 -2.43 26.61
N GLY C 181 2.01 -3.42 26.51
CA GLY C 181 0.84 -3.29 25.64
C GLY C 181 1.24 -3.18 24.19
N TYR C 182 0.53 -2.34 23.45
CA TYR C 182 0.73 -2.21 22.00
C TYR C 182 0.65 -0.76 21.61
N SER C 183 1.22 -0.40 20.46
CA SER C 183 1.08 0.97 20.03
C SER C 183 1.28 1.14 18.53
N LEU C 184 0.72 2.22 18.02
CA LEU C 184 0.99 2.71 16.68
C LEU C 184 1.44 4.13 16.79
N SER C 185 2.63 4.43 16.28
CA SER C 185 3.19 5.77 16.33
C SER C 185 3.31 6.28 14.91
N PHE C 186 3.03 7.57 14.73
CA PHE C 186 3.11 8.26 13.46
C PHE C 186 4.00 9.46 13.59
N LYS C 187 5.08 9.52 12.80
CA LYS C 187 5.95 10.69 12.81
C LYS C 187 6.17 11.20 11.40
N TRP C 188 5.84 12.46 11.18
CA TRP C 188 6.04 13.06 9.86
C TRP C 188 7.11 14.12 9.96
N THR C 189 7.95 14.21 8.96
CA THR C 189 8.80 15.40 8.86
C THR C 189 7.98 16.57 8.36
N ALA C 190 8.51 17.78 8.54
CA ALA C 190 7.74 18.98 8.32
C ALA C 190 8.69 20.11 8.00
N VAL C 191 8.12 21.24 7.56
CA VAL C 191 8.91 22.40 7.18
C VAL C 191 8.54 23.59 8.07
N VAL C 192 9.55 24.20 8.67
CA VAL C 192 9.31 25.30 9.60
C VAL C 192 8.77 26.51 8.86
N ARG C 193 7.88 27.24 9.53
CA ARG C 193 7.24 28.45 9.02
C ARG C 193 6.31 28.17 7.84
N GLU C 194 5.93 26.91 7.68
CA GLU C 194 4.88 26.55 6.74
C GLU C 194 3.77 25.77 7.43
N LYS C 195 2.63 25.74 6.78
CA LYS C 195 1.50 24.98 7.28
C LYS C 195 1.81 23.48 7.16
N PHE C 196 1.36 22.69 8.14
CA PHE C 196 1.45 21.23 8.03
C PHE C 196 0.18 20.58 7.49
N ALA C 197 0.34 19.75 6.46
CA ALA C 197 -0.70 18.80 6.08
C ALA C 197 -0.01 17.60 5.41
N ALA C 198 -0.38 16.40 5.84
CA ALA C 198 0.13 15.17 5.23
C ALA C 198 -1.01 14.54 4.46
N PRO C 199 -0.79 14.26 3.16
CA PRO C 199 -1.84 13.69 2.30
C PRO C 199 -2.21 12.28 2.69
N ALA C 200 -3.14 11.72 1.94
CA ALA C 200 -3.56 10.33 2.14
C ALA C 200 -2.35 9.41 1.95
N THR C 201 -2.17 8.49 2.90
CA THR C 201 -1.13 7.48 2.83
C THR C 201 -1.70 6.17 3.34
N SER C 202 -0.94 5.09 3.19
CA SER C 202 -1.37 3.79 3.70
CA SER C 202 -1.37 3.81 3.77
C SER C 202 -0.16 2.97 4.16
N PHE C 203 -0.45 1.96 4.96
CA PHE C 203 0.57 1.08 5.52
C PHE C 203 -0.11 -0.22 5.92
N CYS C 204 0.69 -1.19 6.32
CA CYS C 204 0.18 -2.56 6.56
C CYS C 204 1.07 -3.19 7.62
N TYR C 205 0.46 -3.94 8.54
CA TYR C 205 1.24 -4.70 9.52
C TYR C 205 0.56 -6.02 9.84
N ILE C 206 1.34 -6.96 10.38
CA ILE C 206 0.82 -8.26 10.77
C ILE C 206 0.26 -8.14 12.19
N THR C 207 -0.86 -8.81 12.44
CA THR C 207 -1.56 -8.63 13.71
C THR C 207 -1.20 -9.69 14.75
N GLU C 208 -1.53 -9.39 16.01
CA GLU C 208 -1.26 -10.27 17.13
C GLU C 208 -2.13 -11.52 17.09
N GLN C 209 -3.43 -11.34 16.81
CA GLN C 209 -4.34 -12.47 16.65
C GLN C 209 -5.16 -12.36 15.37
#